data_8TLO
#
_entry.id   8TLO
#
_cell.length_a   116.740
_cell.length_b   60.870
_cell.length_c   78.350
_cell.angle_alpha   90.00
_cell.angle_beta   108.20
_cell.angle_gamma   90.00
#
_symmetry.space_group_name_H-M   'C 1 2 1'
#
loop_
_entity.id
_entity.type
_entity.pdbx_description
1 polymer 'B-cell lymphoma/leukemia 11A'
2 polymer "DNA (5'-D(P*CP*GP*AP*CP*CP*GP*CP*AP*TP*TP*GP*GP*TP*CP*AP*AP*GP*CP*G)-3')"
3 polymer "DNA (5'-D(P*GP*CP*TP*TP*GP*AP*CP*CP*AP*AP*TP*GP*CP*GP*GP*TP*CP*GP*C)-3')"
4 non-polymer 'ZINC ION'
#
loop_
_entity_poly.entity_id
_entity_poly.type
_entity_poly.pdbx_seq_one_letter_code
_entity_poly.pdbx_strand_id
1 'polypeptide(L)'
;GPHMPGRPSSKEGRRSDTCEYCGKVFKNCSNLTVHRRSHTGERPYKCELCNYACAQSSKLTRHMKTHGQVGKDVYKCEIC
KMPFSVYSTLEKHMKKWHSDRVLNNDIKTE
;
A
2 'polydeoxyribonucleotide' (DC)(DG)(DA)(DC)(DC)(DG)(DC)(DA)(DT)(DT)(DG)(DG)(DT)(DC)(DA)(DA)(DG)(DC)(DG) B
3 'polydeoxyribonucleotide' (DG)(DC)(DT)(DT)(DG)(DA)(DC)(DC)(DA)(DA)(DT)(DG)(DC)(DG)(DG)(DT)(DC)(DG)(DC) C
#
# COMPACT_ATOMS: atom_id res chain seq x y z
N SER A 16 7.55 -0.86 27.95
CA SER A 16 6.82 -1.72 27.03
C SER A 16 6.12 -0.90 25.95
N ASP A 17 6.31 0.42 25.99
CA ASP A 17 5.65 1.34 25.06
C ASP A 17 6.65 2.20 24.29
N THR A 18 7.95 1.95 24.45
CA THR A 18 8.98 2.79 23.85
C THR A 18 9.70 2.04 22.74
N CYS A 19 10.14 2.77 21.72
CA CYS A 19 10.81 2.16 20.58
C CYS A 19 12.18 1.65 21.00
N GLU A 20 12.42 0.36 20.79
CA GLU A 20 13.72 -0.23 21.12
C GLU A 20 14.85 0.32 20.27
N TYR A 21 14.52 0.97 19.16
CA TYR A 21 15.53 1.36 18.18
C TYR A 21 15.94 2.83 18.28
N CYS A 22 15.02 3.72 18.64
CA CYS A 22 15.39 5.12 18.85
C CYS A 22 14.78 5.74 20.10
N GLY A 23 13.87 5.06 20.80
CA GLY A 23 13.39 5.54 22.08
C GLY A 23 12.20 6.47 22.06
N LYS A 24 11.47 6.55 20.94
CA LYS A 24 10.22 7.30 20.94
C LYS A 24 9.19 6.63 21.83
N VAL A 25 8.41 7.45 22.53
CA VAL A 25 7.48 6.98 23.55
C VAL A 25 6.07 7.13 23.01
N PHE A 26 5.32 6.03 22.99
CA PHE A 26 3.96 5.99 22.45
C PHE A 26 2.98 5.67 23.57
N LYS A 27 1.94 6.49 23.69
CA LYS A 27 0.91 6.23 24.69
C LYS A 27 -0.14 5.25 24.20
N ASN A 28 -0.26 5.06 22.88
CA ASN A 28 -1.02 3.98 22.28
C ASN A 28 0.03 3.01 21.73
N CYS A 29 0.14 1.84 22.34
CA CYS A 29 1.23 0.92 22.01
C CYS A 29 1.11 0.33 20.61
N SER A 30 -0.10 0.25 20.06
CA SER A 30 -0.24 -0.22 18.69
C SER A 30 0.45 0.72 17.71
N ASN A 31 0.43 2.03 17.99
CA ASN A 31 1.20 2.96 17.18
C ASN A 31 2.68 2.61 17.17
N LEU A 32 3.20 2.15 18.31
CA LEU A 32 4.61 1.77 18.39
C LEU A 32 4.92 0.57 17.50
N THR A 33 4.03 -0.43 17.50
CA THR A 33 4.27 -1.63 16.70
C THR A 33 4.32 -1.31 15.21
N VAL A 34 3.53 -0.33 14.76
CA VAL A 34 3.58 0.09 13.36
C VAL A 34 4.82 0.93 13.10
N HIS A 35 5.12 1.88 14.00
CA HIS A 35 6.27 2.77 13.83
C HIS A 35 7.55 1.97 13.72
N ARG A 36 7.68 0.98 14.59
CA ARG A 36 8.86 0.13 14.65
C ARG A 36 9.23 -0.42 13.28
N ARG A 37 8.25 -0.69 12.43
CA ARG A 37 8.55 -1.32 11.16
C ARG A 37 9.21 -0.34 10.21
N SER A 38 9.11 0.95 10.52
CA SER A 38 9.91 1.94 9.81
C SER A 38 11.39 1.64 9.95
N HIS A 39 11.81 1.11 11.11
CA HIS A 39 13.21 0.73 11.24
C HIS A 39 13.47 -0.65 10.64
N THR A 40 12.68 -1.66 11.00
CA THR A 40 12.98 -3.02 10.57
C THR A 40 12.48 -3.34 9.16
N GLY A 41 11.76 -2.42 8.51
CA GLY A 41 11.38 -2.61 7.14
C GLY A 41 10.33 -3.67 6.89
N GLU A 42 9.76 -4.26 7.94
CA GLU A 42 8.74 -5.30 7.76
C GLU A 42 7.47 -4.68 7.19
N ARG A 43 6.92 -5.33 6.16
CA ARG A 43 5.74 -4.82 5.44
C ARG A 43 4.76 -5.96 5.25
N PRO A 44 4.04 -6.36 6.29
CA PRO A 44 3.21 -7.57 6.21
C PRO A 44 1.89 -7.39 5.49
N TYR A 45 1.40 -6.16 5.33
CA TYR A 45 0.11 -5.91 4.68
C TYR A 45 0.35 -5.79 3.18
N LYS A 46 0.15 -6.88 2.46
CA LYS A 46 0.53 -7.02 1.07
C LYS A 46 -0.71 -7.06 0.18
N CYS A 47 -0.73 -6.20 -0.83
CA CYS A 47 -1.86 -6.14 -1.74
C CYS A 47 -1.94 -7.40 -2.60
N GLU A 48 -3.15 -7.92 -2.75
CA GLU A 48 -3.39 -9.01 -3.69
C GLU A 48 -3.44 -8.52 -5.13
N LEU A 49 -3.70 -7.24 -5.36
CA LEU A 49 -3.82 -6.76 -6.73
C LEU A 49 -2.51 -6.32 -7.33
N CYS A 50 -1.58 -5.74 -6.55
CA CYS A 50 -0.26 -5.42 -7.07
C CYS A 50 0.78 -5.78 -6.01
N ASN A 51 2.03 -5.44 -6.29
CA ASN A 51 3.14 -5.67 -5.36
C ASN A 51 3.24 -4.59 -4.30
N TYR A 52 2.16 -3.85 -4.05
CA TYR A 52 2.16 -2.87 -2.98
C TYR A 52 2.15 -3.56 -1.63
N ALA A 53 2.92 -3.00 -0.70
CA ALA A 53 2.95 -3.51 0.67
C ALA A 53 3.13 -2.32 1.60
N CYS A 54 2.78 -2.52 2.87
CA CYS A 54 2.84 -1.45 3.85
C CYS A 54 2.89 -2.06 5.24
N ALA A 55 3.14 -1.20 6.23
CA ALA A 55 3.18 -1.58 7.63
C ALA A 55 1.89 -1.24 8.37
N GLN A 56 0.88 -0.70 7.68
CA GLN A 56 -0.35 -0.29 8.31
C GLN A 56 -1.55 -0.88 7.57
N SER A 57 -2.43 -1.56 8.31
CA SER A 57 -3.64 -2.10 7.70
C SER A 57 -4.50 -0.98 7.13
N SER A 58 -4.56 0.16 7.84
CA SER A 58 -5.29 1.32 7.36
C SER A 58 -4.89 1.70 5.95
N LYS A 59 -3.57 1.74 5.70
CA LYS A 59 -3.08 2.23 4.41
C LYS A 59 -3.47 1.30 3.27
N LEU A 60 -3.36 -0.02 3.48
CA LEU A 60 -3.62 -0.95 2.39
C LEU A 60 -5.07 -0.86 1.91
N THR A 61 -6.01 -0.74 2.86
CA THR A 61 -7.41 -0.56 2.48
C THR A 61 -7.60 0.75 1.71
N ARG A 62 -6.91 1.81 2.15
CA ARG A 62 -6.96 3.07 1.42
C ARG A 62 -6.37 2.91 0.02
N HIS A 63 -5.25 2.19 -0.09
CA HIS A 63 -4.65 1.95 -1.40
C HIS A 63 -5.56 1.11 -2.29
N MET A 64 -6.43 0.30 -1.68
CA MET A 64 -7.34 -0.54 -2.46
C MET A 64 -8.36 0.26 -3.25
N LYS A 65 -8.65 1.50 -2.85
CA LYS A 65 -9.53 2.36 -3.64
C LYS A 65 -8.96 2.56 -5.04
N THR A 66 -7.64 2.68 -5.15
CA THR A 66 -6.99 2.94 -6.43
C THR A 66 -7.22 1.83 -7.45
N HIS A 67 -7.63 0.66 -7.01
CA HIS A 67 -7.86 -0.49 -7.89
C HIS A 67 -9.30 -0.59 -8.37
N GLY A 68 -10.16 0.35 -7.98
CA GLY A 68 -11.54 0.31 -8.43
C GLY A 68 -12.54 0.74 -7.37
N GLN A 69 -13.42 1.67 -7.72
CA GLN A 69 -14.54 2.04 -6.88
C GLN A 69 -15.77 1.22 -7.26
N VAL A 70 -16.74 1.19 -6.35
CA VAL A 70 -17.91 0.34 -6.55
C VAL A 70 -18.78 0.89 -7.69
N GLY A 71 -19.03 2.19 -7.69
CA GLY A 71 -19.95 2.79 -8.65
C GLY A 71 -19.33 3.33 -9.91
N LYS A 72 -18.00 3.38 -9.99
CA LYS A 72 -17.30 3.93 -11.15
C LYS A 72 -16.87 2.82 -12.09
N ASP A 73 -16.70 3.19 -13.36
CA ASP A 73 -16.18 2.27 -14.35
C ASP A 73 -14.69 1.98 -14.09
N VAL A 74 -14.32 0.72 -14.18
CA VAL A 74 -12.97 0.26 -13.86
C VAL A 74 -12.16 0.16 -15.14
N TYR A 75 -10.86 0.43 -15.04
CA TYR A 75 -9.93 0.31 -16.15
C TYR A 75 -8.92 -0.77 -15.81
N LYS A 76 -8.79 -1.76 -16.69
CA LYS A 76 -7.86 -2.85 -16.50
C LYS A 76 -6.72 -2.74 -17.51
N CYS A 77 -5.52 -3.13 -17.08
CA CYS A 77 -4.41 -3.19 -18.02
C CYS A 77 -4.66 -4.30 -19.04
N GLU A 78 -4.54 -3.94 -20.33
CA GLU A 78 -4.76 -4.93 -21.38
C GLU A 78 -3.70 -6.02 -21.33
N ILE A 79 -2.43 -5.64 -21.10
CA ILE A 79 -1.38 -6.62 -20.88
C ILE A 79 -1.59 -7.35 -19.55
N CYS A 80 -1.77 -6.58 -18.46
CA CYS A 80 -1.60 -7.15 -17.13
C CYS A 80 -2.89 -7.37 -16.33
N LYS A 81 -4.07 -7.28 -16.96
CA LYS A 81 -5.33 -7.64 -16.30
C LYS A 81 -5.53 -6.87 -14.99
N MET A 82 -4.68 -5.88 -14.73
CA MET A 82 -4.69 -5.15 -13.47
C MET A 82 -5.72 -4.03 -13.50
N PRO A 83 -6.61 -3.97 -12.52
CA PRO A 83 -7.70 -2.99 -12.57
C PRO A 83 -7.34 -1.66 -11.94
N PHE A 84 -7.75 -0.56 -12.57
CA PHE A 84 -7.58 0.78 -12.05
C PHE A 84 -8.93 1.48 -12.02
N SER A 85 -9.10 2.38 -11.04
CA SER A 85 -10.28 3.23 -11.00
C SER A 85 -10.05 4.58 -11.67
N VAL A 86 -8.81 5.04 -11.73
CA VAL A 86 -8.46 6.29 -12.39
C VAL A 86 -7.52 5.97 -13.54
N TYR A 87 -7.85 6.49 -14.73
CA TYR A 87 -7.02 6.26 -15.90
C TYR A 87 -5.63 6.87 -15.70
N SER A 88 -5.57 8.04 -15.04
CA SER A 88 -4.36 8.86 -14.96
C SER A 88 -3.22 8.20 -14.19
N THR A 89 -3.44 7.04 -13.59
CA THR A 89 -2.36 6.27 -13.02
C THR A 89 -2.16 4.91 -13.71
N LEU A 90 -3.01 4.56 -14.67
CA LEU A 90 -2.77 3.34 -15.43
C LEU A 90 -1.49 3.43 -16.22
N GLU A 91 -1.32 4.52 -17.00
CA GLU A 91 -0.12 4.64 -17.83
C GLU A 91 1.13 4.85 -16.99
N LYS A 92 0.99 5.29 -15.74
CA LYS A 92 2.10 5.18 -14.81
C LYS A 92 2.52 3.72 -14.65
N HIS A 93 1.53 2.83 -14.55
CA HIS A 93 1.82 1.39 -14.51
C HIS A 93 2.25 0.87 -15.89
N MET A 94 1.77 1.49 -16.98
CA MET A 94 2.24 1.08 -18.30
C MET A 94 3.72 1.38 -18.47
N LYS A 95 4.15 2.58 -18.09
CA LYS A 95 5.55 2.96 -18.30
C LYS A 95 6.49 2.14 -17.42
N LYS A 96 6.17 1.99 -16.14
CA LYS A 96 7.08 1.36 -15.20
C LYS A 96 7.17 -0.15 -15.42
N TRP A 97 6.12 -0.76 -15.97
CA TRP A 97 6.01 -2.21 -15.99
C TRP A 97 5.91 -2.82 -17.40
N HIS A 98 5.66 -2.01 -18.43
CA HIS A 98 5.42 -2.53 -19.77
C HIS A 98 6.19 -1.72 -20.79
N SER A 99 7.48 -1.50 -20.52
CA SER A 99 8.31 -0.70 -21.40
C SER A 99 8.43 -1.28 -22.80
N ASP A 100 8.17 -2.58 -22.96
CA ASP A 100 8.25 -3.22 -24.27
C ASP A 100 7.25 -2.61 -25.25
#